data_2WU6
#
_entry.id   2WU6
#
_cell.length_a   89.150
_cell.length_b   62.330
_cell.length_c   74.150
_cell.angle_alpha   90.00
_cell.angle_beta   96.04
_cell.angle_gamma   90.00
#
_symmetry.space_group_name_H-M   'C 1 2 1'
#
loop_
_entity.id
_entity.type
_entity.pdbx_description
1 polymer 'DUAL SPECIFICITY PROTEIN KINASE CLK3'
2 non-polymer 5-AMINO-3-{[4-(AMINOSULFONYL)PHENYL]AMINO}-N-(2,6-DIFLUOROPHENYL)-1H-1,2,4-TRIAZOLE-1-CARBOTHIOAMIDE
3 non-polymer 'SULFATE ION'
4 non-polymer 'DIMETHYL SULFOXIDE'
5 non-polymer 1,2-ETHANEDIOL
6 non-polymer 'CHLORIDE ION'
7 water water
#
_entity_poly.entity_id   1
_entity_poly.type   'polypeptide(L)'
_entity_poly.pdbx_seq_one_letter_code
;MHHHHHHSSGVDLGTENLYFQSMQSSKRSSRSVEDDKEGHLVCRIGDWLQERYEIVGNLGEGTFGKVVECLDHARGKSQV
ALKIIRNVGKYREAARLEINVLKKIKEKDKENKFLCVLMSDWFNFHGHMCIAFELLGKNTFEFLKENNFQPYPLPHVRHM
AYQLCHALRFLHENQLTHTDLKPENILFVNSEFETLYNEHKSCEEKSVKNTSIRVADFGSATFDHEHHTTIVATRHYRPP
EVILELGWAQPCDVWSIGCILFEYYRGFTLFQTHENREHLVMMEKILGPIPSHMIHRTRKQKYFYKGGLVWDENSSDGRY
VKENCKPLKSYMLQDSLEHVQLFDLMRRMLEFDPAQRITLAEALLHPFFAGLTPEERSFHT
;
_entity_poly.pdbx_strand_id   A
#
loop_
_chem_comp.id
_chem_comp.type
_chem_comp.name
_chem_comp.formula
CL non-polymer 'CHLORIDE ION' 'Cl -1'
DKI non-polymer 5-AMINO-3-{[4-(AMINOSULFONYL)PHENYL]AMINO}-N-(2,6-DIFLUOROPHENYL)-1H-1,2,4-TRIAZOLE-1-CARBOTHIOAMIDE 'C15 H13 F2 N7 O2 S2'
DMS non-polymer 'DIMETHYL SULFOXIDE' 'C2 H6 O S'
EDO non-polymer 1,2-ETHANEDIOL 'C2 H6 O2'
SO4 non-polymer 'SULFATE ION' 'O4 S -2'
#
# COMPACT_ATOMS: atom_id res chain seq x y z
N ARG A 31 33.63 15.32 13.90
CA ARG A 31 33.32 14.32 12.83
C ARG A 31 32.62 14.96 11.67
N SER A 32 33.26 15.00 10.50
CA SER A 32 32.57 15.54 9.34
C SER A 32 31.37 14.68 9.00
N VAL A 33 30.26 15.36 8.77
CA VAL A 33 29.07 14.75 8.20
C VAL A 33 29.25 14.79 6.67
N GLU A 34 29.08 13.65 6.01
CA GLU A 34 29.32 13.55 4.57
C GLU A 34 28.05 13.14 3.82
N ASP A 35 27.79 13.78 2.68
CA ASP A 35 26.69 13.40 1.78
C ASP A 35 27.30 12.85 0.50
N ASP A 36 26.69 11.81 -0.10
CA ASP A 36 27.12 11.40 -1.45
C ASP A 36 26.59 12.37 -2.51
N LYS A 37 26.85 12.09 -3.78
CA LYS A 37 26.49 13.03 -4.86
C LYS A 37 24.98 13.26 -5.00
N GLU A 38 24.17 12.34 -4.49
CA GLU A 38 22.72 12.50 -4.59
C GLU A 38 22.10 13.13 -3.31
N GLY A 39 22.96 13.50 -2.37
CA GLY A 39 22.51 14.07 -1.13
C GLY A 39 22.12 13.04 -0.08
N HIS A 40 22.45 11.76 -0.28
CA HIS A 40 22.23 10.75 0.79
C HIS A 40 23.26 10.93 1.87
N LEU A 41 22.85 10.84 3.14
CA LEU A 41 23.79 10.83 4.23
C LEU A 41 24.69 9.60 4.16
N VAL A 42 26.00 9.80 4.27
CA VAL A 42 26.92 8.67 4.33
C VAL A 42 26.90 8.22 5.77
N CYS A 43 26.36 7.04 5.99
CA CYS A 43 26.40 6.46 7.32
C CYS A 43 26.48 4.93 7.22
N ARG A 44 26.97 4.30 8.25
CA ARG A 44 27.16 2.86 8.23
C ARG A 44 26.74 2.28 9.54
N ILE A 45 26.49 0.97 9.56
CA ILE A 45 26.38 0.24 10.80
C ILE A 45 27.53 0.64 11.72
N GLY A 46 27.20 0.91 12.98
CA GLY A 46 28.16 1.35 13.96
C GLY A 46 28.05 2.83 14.25
N ASP A 47 27.71 3.63 13.23
CA ASP A 47 27.57 5.09 13.35
C ASP A 47 26.43 5.48 14.32
N TRP A 48 26.48 6.72 14.83
CA TRP A 48 25.51 7.26 15.77
C TRP A 48 24.93 8.58 15.22
N LEU A 49 23.72 8.95 15.68
CA LEU A 49 23.10 10.24 15.35
C LEU A 49 22.59 10.86 16.62
N GLN A 50 22.90 12.15 16.80
CA GLN A 50 22.57 12.94 17.99
C GLN A 50 23.03 12.34 19.31
N GLU A 51 24.13 11.59 19.26
CA GLU A 51 24.61 10.89 20.44
C GLU A 51 23.49 10.08 21.09
N ARG A 52 22.62 9.51 20.25
CA ARG A 52 21.39 8.92 20.78
C ARG A 52 21.01 7.63 20.05
N TYR A 53 20.99 7.70 18.73
CA TYR A 53 20.56 6.61 17.90
C TYR A 53 21.77 5.91 17.34
N GLU A 54 22.00 4.68 17.79
CA GLU A 54 23.09 3.88 17.26
C GLU A 54 22.59 3.04 16.07
N ILE A 55 23.19 3.19 14.89
CA ILE A 55 22.87 2.36 13.74
C ILE A 55 23.42 0.91 13.91
N VAL A 56 22.55 -0.08 13.75
CA VAL A 56 22.88 -1.51 13.95
C VAL A 56 22.49 -2.33 12.72
N GLY A 57 21.78 -1.70 11.78
CA GLY A 57 21.37 -2.38 10.56
C GLY A 57 20.86 -1.47 9.44
N ASN A 58 20.79 -2.06 8.25
CA ASN A 58 20.20 -1.44 7.09
C ASN A 58 18.88 -2.10 6.82
N LEU A 59 17.85 -1.31 6.55
CA LEU A 59 16.52 -1.87 6.30
C LEU A 59 16.08 -1.74 4.84
N GLY A 60 16.42 -0.61 4.23
CA GLY A 60 16.11 -0.41 2.83
C GLY A 60 16.41 1.00 2.37
N GLU A 61 15.90 1.30 1.17
CA GLU A 61 16.29 2.52 0.50
C GLU A 61 15.23 2.88 -0.51
N GLY A 62 15.32 4.11 -1.01
CA GLY A 62 14.43 4.59 -2.03
C GLY A 62 15.00 5.90 -2.52
N THR A 63 14.27 6.53 -3.43
CA THR A 63 14.67 7.83 -3.95
C THR A 63 14.66 8.90 -2.85
N PHE A 64 13.92 8.66 -1.76
CA PHE A 64 13.80 9.64 -0.66
C PHE A 64 15.08 9.67 0.17
N GLY A 65 15.88 8.60 0.09
CA GLY A 65 16.97 8.40 1.04
C GLY A 65 17.04 6.97 1.53
N LYS A 66 17.29 6.78 2.81
CA LYS A 66 17.38 5.41 3.33
C LYS A 66 16.76 5.18 4.68
N VAL A 67 16.53 3.90 4.99
CA VAL A 67 15.94 3.47 6.25
C VAL A 67 16.94 2.54 6.97
N VAL A 68 17.35 2.94 8.17
CA VAL A 68 18.27 2.15 9.00
C VAL A 68 17.63 1.72 10.31
N GLU A 69 18.08 0.60 10.85
CA GLU A 69 17.63 0.15 12.13
C GLU A 69 18.58 0.73 13.18
N CYS A 70 18.00 1.29 14.23
CA CYS A 70 18.80 1.91 15.27
C CYS A 70 18.37 1.39 16.61
N LEU A 71 19.26 1.56 17.60
CA LEU A 71 18.90 1.40 18.99
C LEU A 71 18.86 2.80 19.57
N ASP A 72 17.80 3.12 20.29
CA ASP A 72 17.59 4.46 20.85
C ASP A 72 18.06 4.43 22.29
N HIS A 73 19.30 4.87 22.50
CA HIS A 73 19.94 4.88 23.82
C HIS A 73 19.32 5.85 24.82
N ALA A 74 18.39 6.69 24.38
CA ALA A 74 17.70 7.53 25.33
C ALA A 74 16.44 6.83 25.87
N ARG A 75 16.03 5.73 25.21
CA ARG A 75 14.81 5.01 25.59
C ARG A 75 15.09 3.52 25.82
N GLY A 76 16.12 3.22 26.61
CA GLY A 76 16.42 1.85 26.98
C GLY A 76 16.87 1.00 25.82
N LYS A 77 17.50 1.60 24.83
CA LYS A 77 17.96 0.86 23.66
C LYS A 77 16.78 0.25 22.87
N SER A 78 15.64 0.93 22.87
CA SER A 78 14.51 0.46 22.09
C SER A 78 14.84 0.48 20.60
N GLN A 79 14.30 -0.49 19.88
CA GLN A 79 14.61 -0.69 18.45
C GLN A 79 13.73 0.22 17.60
N VAL A 80 14.37 0.93 16.70
CA VAL A 80 13.72 1.91 15.85
C VAL A 80 14.10 1.69 14.38
N ALA A 81 13.16 2.00 13.48
CA ALA A 81 13.44 2.17 12.06
C ALA A 81 13.51 3.68 11.83
N LEU A 82 14.67 4.15 11.40
CA LEU A 82 14.92 5.56 11.23
C LEU A 82 15.04 5.84 9.76
N LYS A 83 14.09 6.63 9.26
CA LYS A 83 14.05 7.05 7.88
C LYS A 83 14.92 8.31 7.76
N ILE A 84 15.96 8.23 6.95
CA ILE A 84 16.89 9.34 6.79
C ILE A 84 16.74 9.94 5.40
N ILE A 85 16.20 11.15 5.35
CA ILE A 85 15.86 11.76 4.06
C ILE A 85 17.07 12.45 3.46
N ARG A 86 17.24 12.35 2.14
CA ARG A 86 18.30 13.07 1.41
C ARG A 86 18.31 14.59 1.71
N ASN A 87 19.52 15.17 1.71
CA ASN A 87 19.72 16.59 1.89
C ASN A 87 19.47 17.31 0.57
N VAL A 88 18.21 17.30 0.16
CA VAL A 88 17.72 17.90 -1.10
C VAL A 88 16.41 18.61 -0.76
N GLY A 89 16.26 19.86 -1.18
CA GLY A 89 15.16 20.74 -0.76
C GLY A 89 13.79 20.12 -0.89
N LYS A 90 13.49 19.58 -2.07
CA LYS A 90 12.17 19.03 -2.32
C LYS A 90 11.84 17.77 -1.47
N TYR A 91 12.85 16.99 -1.14
CA TYR A 91 12.68 15.88 -0.19
C TYR A 91 12.56 16.35 1.27
N ARG A 92 13.37 17.32 1.68
CA ARG A 92 13.28 17.90 3.03
C ARG A 92 11.85 18.47 3.25
N GLU A 93 11.35 19.16 2.24
CA GLU A 93 9.99 19.72 2.26
C GLU A 93 8.89 18.66 2.38
N ALA A 94 8.95 17.61 1.55
CA ALA A 94 8.02 16.49 1.65
C ALA A 94 8.06 15.81 3.03
N ALA A 95 9.27 15.66 3.57
CA ALA A 95 9.42 15.03 4.88
C ALA A 95 8.83 15.89 6.02
N ARG A 96 8.97 17.21 5.90
CA ARG A 96 8.38 18.13 6.85
C ARG A 96 6.85 18.00 6.84
N LEU A 97 6.27 17.89 5.63
CA LEU A 97 4.85 17.65 5.48
C LEU A 97 4.42 16.31 6.06
N GLU A 98 5.22 15.28 5.85
CA GLU A 98 4.93 13.97 6.44
C GLU A 98 4.91 14.03 7.97
N ILE A 99 5.92 14.67 8.55
CA ILE A 99 5.97 14.86 9.99
C ILE A 99 4.68 15.53 10.49
N ASN A 100 4.21 16.56 9.78
CA ASN A 100 3.02 17.29 10.17
C ASN A 100 1.79 16.41 10.13
N VAL A 101 1.73 15.55 9.12
CA VAL A 101 0.62 14.61 8.97
C VAL A 101 0.65 13.63 10.12
N LEU A 102 1.82 13.08 10.39
CA LEU A 102 1.99 12.13 11.51
C LEU A 102 1.60 12.72 12.87
N LYS A 103 1.93 13.99 13.10
CA LYS A 103 1.55 14.62 14.37
C LYS A 103 0.03 14.68 14.51
N LYS A 104 -0.65 15.03 13.41
CA LYS A 104 -2.10 15.14 13.43
C LYS A 104 -2.74 13.79 13.63
N ILE A 105 -2.18 12.75 13.01
CA ILE A 105 -2.73 11.40 13.17
C ILE A 105 -2.60 10.94 14.62
N LYS A 106 -1.40 11.01 15.18
CA LYS A 106 -1.14 10.67 16.58
C LYS A 106 -2.13 11.37 17.50
N GLU A 107 -2.38 12.65 17.22
CA GLU A 107 -3.29 13.46 18.02
C GLU A 107 -4.72 12.92 18.00
N LYS A 108 -5.13 12.29 16.90
CA LYS A 108 -6.45 11.71 16.78
C LYS A 108 -6.51 10.24 17.26
N ASP A 109 -5.35 9.60 17.39
CA ASP A 109 -5.26 8.21 17.86
C ASP A 109 -4.18 8.11 18.95
N LYS A 110 -4.46 8.70 20.11
CA LYS A 110 -3.44 8.86 21.16
C LYS A 110 -3.02 7.54 21.83
N GLU A 111 -3.92 6.57 21.84
CA GLU A 111 -3.64 5.23 22.40
C GLU A 111 -3.06 4.27 21.35
N ASN A 112 -2.66 4.82 20.20
CA ASN A 112 -2.19 4.05 19.02
C ASN A 112 -2.94 2.73 18.85
N LYS A 113 -4.25 2.87 18.65
CA LYS A 113 -5.21 1.78 18.64
C LYS A 113 -5.55 1.33 17.22
N PHE A 114 -5.38 2.23 16.22
CA PHE A 114 -5.86 1.98 14.85
C PHE A 114 -4.83 1.63 13.77
N LEU A 115 -3.81 0.89 14.19
CA LEU A 115 -2.95 0.10 13.32
C LEU A 115 -2.05 0.88 12.34
N CYS A 116 -1.64 2.06 12.73
CA CYS A 116 -0.73 2.85 11.92
C CYS A 116 0.66 2.79 12.52
N VAL A 117 1.67 2.89 11.66
CA VAL A 117 3.04 3.07 12.09
C VAL A 117 3.22 4.55 12.43
N LEU A 118 3.16 4.86 13.71
CA LEU A 118 3.39 6.24 14.13
C LEU A 118 4.81 6.53 14.66
N MET A 119 5.13 7.79 14.52
CA MET A 119 6.42 8.32 14.76
C MET A 119 6.67 8.42 16.26
N SER A 120 7.85 7.99 16.70
CA SER A 120 8.33 8.26 18.04
C SER A 120 9.14 9.58 18.16
N ASP A 121 9.83 9.97 17.10
CA ASP A 121 10.68 11.19 17.15
C ASP A 121 10.91 11.63 15.70
N TRP A 122 11.29 12.88 15.53
CA TRP A 122 11.80 13.41 14.25
C TRP A 122 12.84 14.47 14.54
N PHE A 123 13.75 14.69 13.61
CA PHE A 123 14.72 15.76 13.79
C PHE A 123 15.35 16.08 12.43
N ASN A 124 15.91 17.28 12.33
CA ASN A 124 16.67 17.72 11.17
C ASN A 124 18.13 17.47 11.50
N PHE A 125 18.79 16.60 10.75
CA PHE A 125 20.22 16.32 11.06
C PHE A 125 21.09 16.87 9.93
N HIS A 126 21.65 18.08 10.10
CA HIS A 126 22.45 18.76 9.02
C HIS A 126 21.75 18.73 7.67
N GLY A 127 20.47 19.07 7.67
CA GLY A 127 19.69 19.09 6.42
C GLY A 127 18.94 17.82 6.04
N HIS A 128 19.33 16.70 6.64
CA HIS A 128 18.61 15.42 6.50
C HIS A 128 17.51 15.34 7.56
N MET A 129 16.26 15.38 7.13
CA MET A 129 15.13 15.11 8.01
C MET A 129 15.18 13.62 8.33
N CYS A 130 15.01 13.32 9.60
CA CYS A 130 15.02 11.93 10.05
C CYS A 130 13.76 11.69 10.83
N ILE A 131 13.07 10.59 10.53
CA ILE A 131 11.86 10.24 11.25
C ILE A 131 12.06 8.84 11.87
N ALA A 132 11.87 8.76 13.18
CA ALA A 132 12.06 7.50 13.88
C ALA A 132 10.73 6.82 14.05
N PHE A 133 10.67 5.51 13.73
CA PHE A 133 9.42 4.74 13.96
C PHE A 133 9.74 3.51 14.79
N GLU A 134 8.78 3.04 15.59
CA GLU A 134 8.96 1.75 16.29
C GLU A 134 9.26 0.66 15.23
N LEU A 135 10.26 -0.19 15.50
CA LEU A 135 10.73 -1.17 14.52
C LEU A 135 9.70 -2.27 14.41
N LEU A 136 9.26 -2.53 13.18
CA LEU A 136 8.37 -3.64 12.89
C LEU A 136 9.09 -4.62 11.98
N GLY A 137 8.38 -5.64 11.50
CA GLY A 137 8.95 -6.58 10.53
C GLY A 137 8.90 -6.10 9.09
N LYS A 138 9.20 -7.01 8.17
CA LYS A 138 9.23 -6.78 6.73
C LYS A 138 7.87 -6.31 6.24
N ASN A 139 7.87 -5.57 5.14
CA ASN A 139 6.63 -5.18 4.53
C ASN A 139 6.04 -6.38 3.77
N THR A 140 4.77 -6.27 3.38
CA THR A 140 4.09 -7.43 2.82
C THR A 140 4.53 -7.75 1.41
N PHE A 141 5.12 -6.78 0.72
CA PHE A 141 5.75 -7.08 -0.57
C PHE A 141 7.07 -7.88 -0.41
N GLU A 142 7.91 -7.41 0.53
CA GLU A 142 9.21 -8.02 0.77
C GLU A 142 9.05 -9.46 1.27
N PHE A 143 8.09 -9.67 2.18
CA PHE A 143 7.76 -11.04 2.60
C PHE A 143 7.33 -11.90 1.40
N LEU A 144 6.47 -11.36 0.54
CA LEU A 144 6.01 -12.07 -0.64
C LEU A 144 7.19 -12.50 -1.55
N LYS A 145 8.08 -11.53 -1.79
CA LYS A 145 9.27 -11.68 -2.61
C LYS A 145 10.22 -12.76 -2.04
N GLU A 146 10.52 -12.68 -0.74
CA GLU A 146 11.35 -13.66 -0.02
C GLU A 146 10.71 -15.05 0.04
N ASN A 147 9.39 -15.08 -0.20
CA ASN A 147 8.64 -16.34 -0.37
C ASN A 147 8.53 -16.76 -1.85
N ASN A 148 9.42 -16.22 -2.68
CA ASN A 148 9.40 -16.45 -4.13
C ASN A 148 8.06 -16.17 -4.83
N PHE A 149 7.32 -15.20 -4.26
CA PHE A 149 6.02 -14.75 -4.82
C PHE A 149 4.91 -15.78 -4.74
N GLN A 150 5.12 -16.80 -3.89
CA GLN A 150 4.07 -17.72 -3.56
C GLN A 150 3.06 -17.01 -2.67
N PRO A 151 1.80 -17.08 -3.02
CA PRO A 151 0.85 -16.19 -2.35
C PRO A 151 0.48 -16.55 -0.93
N TYR A 152 -0.04 -15.54 -0.23
CA TYR A 152 -0.52 -15.75 1.11
C TYR A 152 -1.71 -16.70 1.08
N PRO A 153 -1.79 -17.62 2.08
CA PRO A 153 -2.98 -18.43 2.18
C PRO A 153 -4.24 -17.56 2.47
N LEU A 154 -5.40 -17.97 1.97
CA LEU A 154 -6.67 -17.25 2.20
C LEU A 154 -6.93 -16.77 3.66
N PRO A 155 -6.74 -17.65 4.69
CA PRO A 155 -6.90 -17.14 6.08
C PRO A 155 -6.04 -15.92 6.43
N HIS A 156 -4.83 -15.89 5.88
CA HIS A 156 -3.91 -14.75 6.01
C HIS A 156 -4.45 -13.50 5.27
N VAL A 157 -4.86 -13.69 4.02
CA VAL A 157 -5.46 -12.61 3.19
C VAL A 157 -6.69 -12.04 3.93
N ARG A 158 -7.49 -12.92 4.50
CA ARG A 158 -8.71 -12.52 5.18
C ARG A 158 -8.37 -11.67 6.40
N HIS A 159 -7.45 -12.13 7.25
CA HIS A 159 -7.05 -11.32 8.41
C HIS A 159 -6.43 -9.98 8.01
N MET A 160 -5.54 -10.00 7.02
CA MET A 160 -4.91 -8.76 6.57
C MET A 160 -5.90 -7.75 6.01
N ALA A 161 -6.85 -8.23 5.22
CA ALA A 161 -7.90 -7.43 4.64
C ALA A 161 -8.78 -6.79 5.73
N TYR A 162 -9.04 -7.56 6.78
CA TYR A 162 -9.85 -7.08 7.91
C TYR A 162 -9.18 -5.90 8.62
N GLN A 163 -7.91 -6.07 8.94
CA GLN A 163 -7.13 -5.04 9.58
C GLN A 163 -6.99 -3.79 8.69
N LEU A 164 -6.75 -4.00 7.39
CA LEU A 164 -6.69 -2.87 6.43
C LEU A 164 -8.00 -2.11 6.37
N CYS A 165 -9.13 -2.81 6.28
CA CYS A 165 -10.41 -2.13 6.29
C CYS A 165 -10.61 -1.27 7.55
N HIS A 166 -10.25 -1.84 8.70
CA HIS A 166 -10.33 -1.16 10.01
C HIS A 166 -9.36 0.00 10.19
N ALA A 167 -8.10 -0.19 9.79
CA ALA A 167 -7.12 0.89 9.85
C ALA A 167 -7.62 2.05 8.99
N LEU A 168 -8.04 1.77 7.75
CA LEU A 168 -8.38 2.88 6.87
C LEU A 168 -9.74 3.49 7.18
N ARG A 169 -10.61 2.69 7.77
CA ARG A 169 -11.94 3.17 8.10
C ARG A 169 -11.77 4.31 9.11
N PHE A 170 -10.89 4.10 10.09
CA PHE A 170 -10.59 5.11 11.12
C PHE A 170 -9.96 6.39 10.56
N LEU A 171 -9.00 6.26 9.65
CA LEU A 171 -8.43 7.42 8.97
C LEU A 171 -9.50 8.15 8.16
N HIS A 172 -10.31 7.39 7.44
CA HIS A 172 -11.39 7.98 6.62
C HIS A 172 -12.41 8.71 7.45
N GLU A 173 -12.67 8.19 8.67
CA GLU A 173 -13.66 8.84 9.52
C GLU A 173 -13.10 10.10 10.19
N ASN A 174 -11.78 10.27 10.10
CA ASN A 174 -11.13 11.50 10.54
C ASN A 174 -10.77 12.39 9.36
N GLN A 175 -11.54 12.28 8.28
CA GLN A 175 -11.36 13.11 7.08
C GLN A 175 -10.03 13.00 6.36
N LEU A 176 -9.38 11.84 6.47
CA LEU A 176 -8.05 11.66 5.87
C LEU A 176 -8.11 10.59 4.77
N THR A 177 -7.37 10.80 3.70
CA THR A 177 -7.20 9.76 2.70
C THR A 177 -5.71 9.46 2.61
N HIS A 178 -5.34 8.18 2.60
CA HIS A 178 -3.93 7.77 2.53
C HIS A 178 -3.30 8.12 1.18
N THR A 179 -3.94 7.63 0.11
CA THR A 179 -3.61 7.83 -1.34
C THR A 179 -2.43 7.03 -1.82
N ASP A 180 -1.64 6.44 -0.92
CA ASP A 180 -0.50 5.65 -1.40
C ASP A 180 -0.45 4.22 -0.83
N LEU A 181 -1.60 3.58 -0.70
CA LEU A 181 -1.60 2.21 -0.16
C LEU A 181 -1.04 1.27 -1.20
N LYS A 182 -0.14 0.39 -0.76
CA LYS A 182 0.39 -0.67 -1.62
C LYS A 182 1.10 -1.66 -0.69
N PRO A 183 1.44 -2.87 -1.18
CA PRO A 183 2.01 -3.85 -0.24
C PRO A 183 3.29 -3.40 0.48
N GLU A 184 4.15 -2.65 -0.22
CA GLU A 184 5.37 -2.08 0.39
C GLU A 184 5.09 -1.16 1.56
N ASN A 185 3.89 -0.56 1.61
CA ASN A 185 3.52 0.33 2.72
C ASN A 185 2.70 -0.37 3.86
N ILE A 186 2.63 -1.70 3.83
CA ILE A 186 1.89 -2.47 4.82
C ILE A 186 2.97 -3.39 5.48
N LEU A 187 3.19 -3.26 6.78
CA LEU A 187 4.28 -4.01 7.47
C LEU A 187 3.69 -5.06 8.39
N PHE A 188 4.31 -6.25 8.45
CA PHE A 188 4.01 -7.17 9.56
C PHE A 188 4.57 -6.60 10.86
N VAL A 189 3.80 -6.64 11.94
CA VAL A 189 4.34 -6.29 13.25
C VAL A 189 5.57 -7.15 13.55
N ASN A 190 5.48 -8.43 13.18
CA ASN A 190 6.55 -9.41 13.34
C ASN A 190 6.52 -10.35 12.14
N SER A 191 7.58 -10.34 11.34
CA SER A 191 7.57 -11.15 10.13
C SER A 191 8.24 -12.52 10.27
N GLU A 192 8.49 -12.96 11.51
CA GLU A 192 8.97 -14.34 11.74
C GLU A 192 8.01 -15.37 11.09
N PHE A 193 8.58 -16.38 10.46
CA PHE A 193 7.79 -17.33 9.68
C PHE A 193 8.12 -18.76 10.03
N GLU A 194 7.23 -19.66 9.62
CA GLU A 194 7.48 -21.09 9.66
C GLU A 194 7.81 -21.51 8.24
N THR A 195 8.72 -22.47 8.10
CA THR A 195 9.01 -23.05 6.81
C THR A 195 8.28 -24.38 6.74
N LEU A 196 7.29 -24.44 5.86
CA LEU A 196 6.45 -25.63 5.66
C LEU A 196 6.70 -26.21 4.28
N TYR A 197 6.62 -27.54 4.19
CA TYR A 197 6.74 -28.19 2.90
C TYR A 197 5.37 -28.21 2.22
N ASN A 198 5.29 -27.58 1.05
CA ASN A 198 4.05 -27.64 0.29
C ASN A 198 4.09 -28.90 -0.56
N GLU A 199 3.32 -29.88 -0.13
CA GLU A 199 3.32 -31.21 -0.74
C GLU A 199 2.81 -31.22 -2.21
N HIS A 200 1.99 -30.25 -2.57
CA HIS A 200 1.47 -30.13 -3.95
C HIS A 200 2.43 -29.45 -4.93
N LYS A 201 3.44 -28.76 -4.39
CA LYS A 201 4.36 -28.00 -5.22
C LYS A 201 5.77 -28.57 -5.19
N SER A 202 6.03 -29.52 -4.29
CA SER A 202 7.38 -30.07 -4.18
C SER A 202 8.42 -29.01 -3.79
N CYS A 203 8.01 -28.02 -3.00
CA CYS A 203 8.91 -26.97 -2.55
C CYS A 203 8.49 -26.46 -1.19
N GLU A 204 9.43 -25.82 -0.49
CA GLU A 204 9.15 -25.19 0.79
C GLU A 204 8.46 -23.84 0.59
N GLU A 205 7.74 -23.40 1.62
CA GLU A 205 7.04 -22.15 1.66
C GLU A 205 7.26 -21.55 3.02
N LYS A 206 7.36 -20.22 3.07
CA LYS A 206 7.42 -19.49 4.32
C LYS A 206 6.03 -18.99 4.66
N SER A 207 5.59 -19.30 5.87
CA SER A 207 4.26 -18.94 6.31
C SER A 207 4.41 -18.09 7.57
N VAL A 208 3.92 -16.85 7.50
CA VAL A 208 4.16 -15.92 8.59
C VAL A 208 3.42 -16.38 9.87
N LYS A 209 4.06 -16.23 11.03
CA LYS A 209 3.51 -16.83 12.25
C LYS A 209 2.36 -16.02 12.78
N ASN A 210 2.42 -14.72 12.53
CA ASN A 210 1.42 -13.80 13.02
C ASN A 210 1.14 -12.79 11.92
N THR A 211 -0.14 -12.64 11.59
CA THR A 211 -0.53 -11.84 10.44
C THR A 211 -0.97 -10.42 10.83
N SER A 212 -0.70 -10.02 12.08
CA SER A 212 -0.93 -8.63 12.50
C SER A 212 -0.10 -7.68 11.62
N ILE A 213 -0.75 -6.64 11.12
CA ILE A 213 -0.10 -5.68 10.22
C ILE A 213 -0.31 -4.24 10.66
N ARG A 214 0.50 -3.36 10.12
CA ARG A 214 0.36 -1.95 10.39
C ARG A 214 0.52 -1.18 9.09
N VAL A 215 -0.16 -0.04 8.99
CA VAL A 215 -0.14 0.77 7.78
C VAL A 215 0.90 1.88 7.91
N ALA A 216 1.79 1.98 6.94
CA ALA A 216 2.86 2.99 6.98
C ALA A 216 2.79 4.03 5.86
N ASP A 217 3.74 4.95 5.89
CA ASP A 217 4.01 5.94 4.84
C ASP A 217 2.89 6.92 4.55
N PHE A 218 2.68 7.84 5.47
CA PHE A 218 1.63 8.85 5.39
C PHE A 218 2.02 10.16 4.70
N GLY A 219 3.13 10.15 3.93
CA GLY A 219 3.67 11.36 3.33
C GLY A 219 2.76 12.06 2.33
N SER A 220 1.98 11.27 1.59
CA SER A 220 1.02 11.77 0.64
C SER A 220 -0.41 11.90 1.19
N ALA A 221 -0.64 11.51 2.46
CA ALA A 221 -2.00 11.54 3.03
C ALA A 221 -2.63 12.94 3.07
N THR A 222 -3.90 13.03 2.69
CA THR A 222 -4.54 14.32 2.40
C THR A 222 -5.85 14.41 3.18
N PHE A 223 -5.99 15.48 3.96
CA PHE A 223 -7.22 15.79 4.65
C PHE A 223 -8.27 16.30 3.64
N ASP A 224 -9.54 16.08 3.95
CA ASP A 224 -10.64 16.57 3.10
C ASP A 224 -10.47 18.06 2.72
N HIS A 225 -10.07 18.91 3.65
CA HIS A 225 -10.05 20.36 3.38
C HIS A 225 -8.78 20.87 2.67
N GLU A 226 -7.80 19.99 2.51
CA GLU A 226 -6.52 20.37 1.88
C GLU A 226 -6.56 20.22 0.36
N HIS A 227 -5.56 20.83 -0.30
CA HIS A 227 -5.43 20.76 -1.76
C HIS A 227 -5.25 19.28 -2.19
N HIS A 228 -6.03 18.88 -3.20
CA HIS A 228 -5.93 17.53 -3.77
C HIS A 228 -5.17 17.67 -5.08
N THR A 229 -4.01 17.03 -5.16
CA THR A 229 -3.23 17.02 -6.40
C THR A 229 -4.00 16.21 -7.46
N THR A 230 -3.84 16.54 -8.72
CA THR A 230 -4.61 15.88 -9.77
C THR A 230 -4.29 14.39 -9.74
N ILE A 231 -3.02 14.03 -9.72
CA ILE A 231 -2.63 12.60 -9.73
C ILE A 231 -2.14 12.19 -8.33
N VAL A 232 -2.63 11.06 -7.83
CA VAL A 232 -2.11 10.46 -6.60
C VAL A 232 -1.95 8.97 -6.81
N ALA A 233 -1.35 8.29 -5.83
CA ALA A 233 -1.17 6.84 -5.81
C ALA A 233 -0.04 6.38 -6.70
N THR A 234 0.49 5.22 -6.35
CA THR A 234 1.46 4.55 -7.18
C THR A 234 0.66 3.91 -8.30
N ARG A 235 1.17 3.99 -9.51
CA ARG A 235 0.40 3.60 -10.68
C ARG A 235 -0.38 2.28 -10.56
N HIS A 236 0.28 1.21 -10.12
CA HIS A 236 -0.41 -0.08 -10.10
C HIS A 236 -1.65 -0.08 -9.21
N TYR A 237 -1.71 0.86 -8.26
CA TYR A 237 -2.79 0.93 -7.25
C TYR A 237 -3.71 2.15 -7.47
N ARG A 238 -3.53 2.82 -8.59
CA ARG A 238 -4.25 4.08 -8.92
C ARG A 238 -5.64 3.79 -9.54
N PRO A 239 -6.70 4.47 -9.05
CA PRO A 239 -8.05 4.17 -9.51
C PRO A 239 -8.40 4.96 -10.77
N PRO A 240 -9.42 4.49 -11.51
CA PRO A 240 -9.78 5.13 -12.75
C PRO A 240 -10.19 6.63 -12.60
N GLU A 241 -10.84 7.03 -11.50
CA GLU A 241 -11.25 8.45 -11.38
C GLU A 241 -10.01 9.36 -11.37
N VAL A 242 -8.87 8.83 -10.91
CA VAL A 242 -7.59 9.57 -10.93
C VAL A 242 -7.00 9.63 -12.35
N ILE A 243 -6.99 8.50 -13.05
CA ILE A 243 -6.56 8.49 -14.45
C ILE A 243 -7.43 9.46 -15.28
N LEU A 244 -8.73 9.44 -15.05
CA LEU A 244 -9.61 10.28 -15.83
C LEU A 244 -9.75 11.73 -15.30
N GLU A 245 -8.97 12.05 -14.27
CA GLU A 245 -8.95 13.38 -13.63
C GLU A 245 -10.38 13.85 -13.26
N LEU A 246 -11.12 12.96 -12.61
CA LEU A 246 -12.50 13.24 -12.21
C LEU A 246 -12.56 13.71 -10.77
N GLY A 247 -11.41 13.84 -10.15
CA GLY A 247 -11.37 14.18 -8.72
C GLY A 247 -11.34 12.89 -7.90
N TRP A 248 -10.92 12.95 -6.63
CA TRP A 248 -10.84 11.74 -5.84
C TRP A 248 -11.03 12.11 -4.37
N ALA A 249 -11.33 11.10 -3.55
CA ALA A 249 -11.50 11.25 -2.10
C ALA A 249 -11.18 9.88 -1.52
N GLN A 250 -11.76 9.57 -0.36
CA GLN A 250 -11.58 8.28 0.34
C GLN A 250 -11.70 6.99 -0.53
N PRO A 251 -12.66 6.90 -1.49
CA PRO A 251 -12.76 5.69 -2.29
C PRO A 251 -11.46 5.32 -3.04
N CYS A 252 -10.61 6.30 -3.33
CA CYS A 252 -9.24 6.02 -3.88
C CYS A 252 -8.57 4.84 -3.12
N ASP A 253 -8.60 4.93 -1.80
CA ASP A 253 -7.97 3.95 -0.89
C ASP A 253 -8.66 2.57 -0.99
N VAL A 254 -9.97 2.58 -1.25
CA VAL A 254 -10.68 1.31 -1.38
C VAL A 254 -10.22 0.56 -2.63
N TRP A 255 -10.05 1.28 -3.72
CA TRP A 255 -9.56 0.68 -4.99
C TRP A 255 -8.19 0.08 -4.70
N SER A 256 -7.33 0.85 -4.03
CA SER A 256 -5.94 0.40 -3.80
C SER A 256 -5.99 -0.89 -2.97
N ILE A 257 -6.85 -0.95 -1.93
CA ILE A 257 -7.00 -2.18 -1.12
C ILE A 257 -7.46 -3.36 -1.97
N GLY A 258 -8.37 -3.15 -2.92
CA GLY A 258 -8.81 -4.24 -3.79
C GLY A 258 -7.64 -4.80 -4.59
N CYS A 259 -6.77 -3.92 -5.10
CA CYS A 259 -5.58 -4.36 -5.85
C CYS A 259 -4.59 -5.10 -4.97
N ILE A 260 -4.43 -4.61 -3.73
CA ILE A 260 -3.58 -5.27 -2.74
C ILE A 260 -4.06 -6.66 -2.40
N LEU A 261 -5.38 -6.83 -2.24
CA LEU A 261 -5.92 -8.12 -1.86
C LEU A 261 -5.70 -9.14 -2.98
N PHE A 262 -5.85 -8.69 -4.23
CA PHE A 262 -5.58 -9.55 -5.37
C PHE A 262 -4.13 -10.04 -5.32
N GLU A 263 -3.24 -9.09 -5.12
CA GLU A 263 -1.82 -9.36 -5.07
C GLU A 263 -1.41 -10.29 -3.93
N TYR A 264 -1.98 -10.13 -2.73
CA TYR A 264 -1.74 -11.10 -1.62
C TYR A 264 -2.22 -12.51 -1.99
N TYR A 265 -3.36 -12.58 -2.67
CA TYR A 265 -4.04 -13.82 -2.99
C TYR A 265 -3.40 -14.57 -4.17
N ARG A 266 -2.86 -13.83 -5.13
CA ARG A 266 -2.22 -14.48 -6.30
C ARG A 266 -0.70 -14.39 -6.31
N GLY A 267 -0.17 -13.33 -5.67
CA GLY A 267 1.28 -13.15 -5.54
C GLY A 267 1.85 -12.41 -6.75
N PHE A 268 0.97 -11.93 -7.62
CA PHE A 268 1.35 -11.07 -8.71
C PHE A 268 0.44 -9.87 -8.80
N THR A 269 0.95 -8.80 -9.37
CA THR A 269 0.22 -7.54 -9.42
C THR A 269 -1.02 -7.63 -10.31
N LEU A 270 -2.13 -7.04 -9.86
CA LEU A 270 -3.32 -7.03 -10.69
C LEU A 270 -3.14 -6.24 -12.00
N PHE A 271 -2.58 -5.02 -11.90
CA PHE A 271 -2.35 -4.15 -13.06
C PHE A 271 -0.84 -3.87 -13.26
N GLN A 272 -0.16 -4.71 -14.02
CA GLN A 272 1.27 -4.57 -14.22
C GLN A 272 1.51 -3.64 -15.40
N THR A 273 1.42 -2.33 -15.15
CA THR A 273 1.44 -1.35 -16.25
C THR A 273 2.22 -0.07 -15.94
N HIS A 274 2.59 0.63 -17.01
N HIS A 274 2.72 0.60 -16.98
CA HIS A 274 3.49 1.77 -17.03
CA HIS A 274 3.45 1.88 -16.86
C HIS A 274 2.79 2.99 -17.66
C HIS A 274 2.74 3.05 -17.57
N GLU A 275 1.56 2.81 -18.15
CA GLU A 275 0.91 3.89 -18.89
C GLU A 275 -0.59 3.85 -18.83
N ASN A 276 -1.20 5.04 -18.94
CA ASN A 276 -2.63 5.24 -18.66
C ASN A 276 -3.53 4.45 -19.61
N ARG A 277 -3.21 4.46 -20.90
CA ARG A 277 -4.13 3.89 -21.90
C ARG A 277 -4.13 2.37 -21.70
N GLU A 278 -2.95 1.77 -21.57
CA GLU A 278 -2.88 0.33 -21.27
C GLU A 278 -3.62 0.00 -19.94
N HIS A 279 -3.44 0.83 -18.93
CA HIS A 279 -4.07 0.58 -17.62
C HIS A 279 -5.57 0.47 -17.76
N LEU A 280 -6.17 1.42 -18.48
CA LEU A 280 -7.65 1.43 -18.69
C LEU A 280 -8.12 0.22 -19.48
N VAL A 281 -7.31 -0.23 -20.44
CA VAL A 281 -7.66 -1.42 -21.19
C VAL A 281 -7.62 -2.64 -20.29
N MET A 282 -6.60 -2.74 -19.41
CA MET A 282 -6.56 -3.83 -18.43
C MET A 282 -7.79 -3.82 -17.54
N MET A 283 -8.15 -2.63 -17.03
CA MET A 283 -9.38 -2.47 -16.22
C MET A 283 -10.61 -3.03 -16.92
N GLU A 284 -10.80 -2.63 -18.16
CA GLU A 284 -11.90 -3.16 -18.99
C GLU A 284 -11.90 -4.69 -19.17
N LYS A 285 -10.76 -5.28 -19.50
CA LYS A 285 -10.68 -6.74 -19.68
C LYS A 285 -10.96 -7.48 -18.36
N ILE A 286 -10.57 -6.88 -17.23
CA ILE A 286 -10.61 -7.63 -15.96
C ILE A 286 -11.96 -7.37 -15.28
N LEU A 287 -12.48 -6.16 -15.47
CA LEU A 287 -13.64 -5.68 -14.66
C LEU A 287 -14.86 -5.33 -15.49
N GLY A 288 -14.72 -5.21 -16.79
CA GLY A 288 -15.87 -4.86 -17.66
C GLY A 288 -15.80 -3.41 -18.13
N PRO A 289 -16.79 -2.97 -18.91
CA PRO A 289 -16.66 -1.64 -19.49
C PRO A 289 -16.71 -0.51 -18.48
N ILE A 290 -15.96 0.56 -18.78
CA ILE A 290 -16.01 1.83 -18.04
C ILE A 290 -17.39 2.41 -18.19
N PRO A 291 -18.04 2.80 -17.07
CA PRO A 291 -19.37 3.39 -17.15
C PRO A 291 -19.40 4.59 -18.08
N SER A 292 -20.42 4.67 -18.95
CA SER A 292 -20.52 5.77 -19.92
C SER A 292 -20.53 7.14 -19.24
N HIS A 293 -21.16 7.25 -18.07
N HIS A 293 -21.18 7.24 -18.08
CA HIS A 293 -21.19 8.55 -17.40
CA HIS A 293 -21.19 8.51 -17.31
C HIS A 293 -19.77 9.08 -17.06
C HIS A 293 -19.78 9.06 -17.10
N MET A 294 -18.86 8.20 -16.67
CA MET A 294 -17.46 8.58 -16.45
C MET A 294 -16.73 9.00 -17.72
N ILE A 295 -16.98 8.27 -18.80
CA ILE A 295 -16.46 8.64 -20.09
C ILE A 295 -16.97 10.03 -20.51
N HIS A 296 -18.28 10.30 -20.34
CA HIS A 296 -18.81 11.62 -20.78
C HIS A 296 -18.30 12.77 -19.91
N ARG A 297 -17.90 12.48 -18.68
CA ARG A 297 -17.46 13.53 -17.75
C ARG A 297 -15.97 13.91 -17.84
N THR A 298 -15.15 12.97 -18.28
CA THR A 298 -13.71 13.21 -18.29
C THR A 298 -13.30 14.19 -19.37
N ARG A 299 -12.31 15.00 -19.05
CA ARG A 299 -11.66 15.84 -20.07
C ARG A 299 -10.56 15.06 -20.80
N LYS A 300 -10.24 13.86 -20.30
CA LYS A 300 -9.23 13.03 -20.97
C LYS A 300 -9.84 12.26 -22.14
N GLN A 301 -10.30 12.97 -23.15
CA GLN A 301 -10.93 12.35 -24.28
C GLN A 301 -9.96 11.64 -25.24
N LYS A 302 -8.65 11.80 -25.05
CA LYS A 302 -7.69 11.13 -25.93
C LYS A 302 -7.76 9.60 -25.81
N TYR A 303 -8.32 9.08 -24.72
CA TYR A 303 -8.38 7.62 -24.52
C TYR A 303 -9.58 7.01 -25.22
N PHE A 304 -10.46 7.86 -25.77
CA PHE A 304 -11.74 7.38 -26.27
C PHE A 304 -11.98 7.80 -27.71
N TYR A 305 -12.80 6.99 -28.38
CA TYR A 305 -13.20 7.21 -29.76
C TYR A 305 -14.56 6.51 -29.87
N LYS A 306 -15.61 7.27 -30.16
CA LYS A 306 -16.97 6.75 -30.31
C LYS A 306 -17.52 6.04 -29.06
N GLY A 307 -17.31 6.66 -27.89
CA GLY A 307 -17.80 6.15 -26.61
C GLY A 307 -17.06 4.96 -26.06
N GLY A 308 -15.94 4.62 -26.69
CA GLY A 308 -15.21 3.39 -26.38
C GLY A 308 -13.70 3.63 -26.30
N LEU A 309 -13.02 2.79 -25.52
CA LEU A 309 -11.57 2.94 -25.33
C LEU A 309 -10.93 2.74 -26.68
N VAL A 310 -9.97 3.59 -27.01
CA VAL A 310 -9.21 3.39 -28.24
C VAL A 310 -7.78 2.94 -27.92
N TRP A 311 -7.33 1.90 -28.62
CA TRP A 311 -6.03 1.30 -28.35
C TRP A 311 -5.63 0.44 -29.53
N ASP A 312 -4.33 0.21 -29.65
CA ASP A 312 -3.76 -0.50 -30.78
C ASP A 312 -3.62 -1.94 -30.30
N GLU A 313 -4.46 -2.81 -30.80
CA GLU A 313 -4.40 -4.20 -30.35
C GLU A 313 -3.12 -4.92 -30.82
N ASN A 314 -2.45 -4.36 -31.84
CA ASN A 314 -1.31 -5.02 -32.43
C ASN A 314 0.04 -4.57 -31.82
N SER A 315 -0.01 -3.62 -30.89
CA SER A 315 1.18 -3.09 -30.25
C SER A 315 1.72 -4.05 -29.19
N SER A 316 2.93 -3.83 -28.71
CA SER A 316 3.46 -4.67 -27.64
C SER A 316 2.52 -4.69 -26.41
N ASP A 317 2.07 -3.52 -26.00
CA ASP A 317 1.11 -3.43 -24.90
C ASP A 317 -0.24 -4.08 -25.23
N GLY A 318 -0.73 -3.84 -26.45
CA GLY A 318 -2.00 -4.41 -26.91
C GLY A 318 -1.97 -5.94 -26.79
N ARG A 319 -0.91 -6.55 -27.30
CA ARG A 319 -0.79 -7.99 -27.35
C ARG A 319 -0.54 -8.55 -25.96
N TYR A 320 0.21 -7.84 -25.12
CA TYR A 320 0.41 -8.27 -23.74
C TYR A 320 -0.93 -8.36 -22.95
N VAL A 321 -1.76 -7.34 -23.09
CA VAL A 321 -3.04 -7.27 -22.37
C VAL A 321 -4.02 -8.34 -22.88
N LYS A 322 -4.09 -8.51 -24.19
CA LYS A 322 -4.95 -9.54 -24.77
C LYS A 322 -4.54 -10.94 -24.30
N GLU A 323 -3.22 -11.18 -24.23
CA GLU A 323 -2.74 -12.48 -23.74
C GLU A 323 -2.95 -12.69 -22.25
N ASN A 324 -2.70 -11.66 -21.45
CA ASN A 324 -2.59 -11.84 -19.99
C ASN A 324 -3.74 -11.34 -19.09
N CYS A 325 -4.62 -10.49 -19.59
CA CYS A 325 -5.62 -9.90 -18.70
C CYS A 325 -6.96 -10.57 -18.94
N LYS A 326 -7.50 -11.22 -17.92
CA LYS A 326 -8.75 -12.00 -18.09
C LYS A 326 -9.76 -11.53 -17.05
N PRO A 327 -11.06 -11.87 -17.22
CA PRO A 327 -12.06 -11.45 -16.22
C PRO A 327 -11.63 -11.83 -14.80
N LEU A 328 -11.86 -10.92 -13.84
CA LEU A 328 -11.45 -11.09 -12.45
C LEU A 328 -11.77 -12.49 -11.86
N LYS A 329 -12.98 -12.96 -12.11
CA LYS A 329 -13.46 -14.24 -11.56
C LYS A 329 -12.55 -15.41 -11.97
N SER A 330 -11.89 -15.26 -13.12
CA SER A 330 -11.05 -16.33 -13.64
C SER A 330 -9.81 -16.56 -12.77
N TYR A 331 -9.50 -15.60 -11.90
CA TYR A 331 -8.28 -15.72 -11.11
C TYR A 331 -8.47 -16.50 -9.80
N MET A 332 -9.70 -16.93 -9.51
CA MET A 332 -10.00 -17.70 -8.28
C MET A 332 -9.20 -19.01 -8.27
N LEU A 333 -8.51 -19.31 -7.17
CA LEU A 333 -7.77 -20.59 -7.08
C LEU A 333 -8.64 -21.78 -6.66
N GLN A 334 -9.73 -21.47 -5.93
CA GLN A 334 -10.66 -22.49 -5.42
C GLN A 334 -12.10 -21.98 -5.55
N ASP A 335 -13.05 -22.91 -5.50
CA ASP A 335 -14.47 -22.63 -5.71
C ASP A 335 -15.28 -22.65 -4.42
N SER A 336 -14.62 -22.86 -3.29
CA SER A 336 -15.34 -22.88 -2.01
C SER A 336 -15.87 -21.49 -1.64
N LEU A 337 -16.76 -21.47 -0.65
CA LEU A 337 -17.54 -20.28 -0.33
C LEU A 337 -16.65 -19.11 0.06
N GLU A 338 -15.63 -19.36 0.87
CA GLU A 338 -14.74 -18.28 1.30
C GLU A 338 -13.99 -17.61 0.14
N HIS A 339 -13.60 -18.39 -0.89
CA HIS A 339 -12.96 -17.82 -2.09
C HIS A 339 -14.00 -17.02 -2.88
N VAL A 340 -15.21 -17.56 -3.00
CA VAL A 340 -16.27 -16.81 -3.72
C VAL A 340 -16.50 -15.44 -3.02
N GLN A 341 -16.55 -15.44 -1.68
CA GLN A 341 -16.78 -14.23 -0.88
C GLN A 341 -15.65 -13.22 -1.02
N LEU A 342 -14.40 -13.70 -1.06
CA LEU A 342 -13.24 -12.84 -1.33
C LEU A 342 -13.44 -12.13 -2.64
N PHE A 343 -13.79 -12.89 -3.68
CA PHE A 343 -13.93 -12.31 -5.00
C PHE A 343 -15.11 -11.36 -5.14
N ASP A 344 -16.17 -11.63 -4.39
CA ASP A 344 -17.27 -10.71 -4.36
C ASP A 344 -16.82 -9.39 -3.70
N LEU A 345 -16.12 -9.51 -2.58
CA LEU A 345 -15.60 -8.33 -1.90
C LEU A 345 -14.64 -7.55 -2.80
N MET A 346 -13.67 -8.24 -3.40
N MET A 346 -13.68 -8.26 -3.39
CA MET A 346 -12.70 -7.58 -4.26
CA MET A 346 -12.70 -7.67 -4.29
C MET A 346 -13.38 -6.81 -5.40
C MET A 346 -13.38 -6.83 -5.38
N ARG A 347 -14.36 -7.44 -6.05
CA ARG A 347 -15.10 -6.80 -7.16
C ARG A 347 -15.82 -5.50 -6.75
N ARG A 348 -16.35 -5.49 -5.53
CA ARG A 348 -17.02 -4.32 -4.99
C ARG A 348 -16.00 -3.21 -4.66
N MET A 349 -14.81 -3.59 -4.19
CA MET A 349 -13.70 -2.62 -4.04
C MET A 349 -13.19 -2.07 -5.36
N LEU A 350 -13.34 -2.84 -6.44
CA LEU A 350 -12.84 -2.43 -7.75
C LEU A 350 -13.95 -1.92 -8.69
N GLU A 351 -14.98 -1.31 -8.14
CA GLU A 351 -16.03 -0.64 -8.92
C GLU A 351 -15.44 0.61 -9.56
N PHE A 352 -15.71 0.81 -10.84
CA PHE A 352 -15.17 1.97 -11.55
C PHE A 352 -15.60 3.30 -10.94
N ASP A 353 -16.88 3.45 -10.61
CA ASP A 353 -17.45 4.68 -10.14
C ASP A 353 -17.20 4.77 -8.64
N PRO A 354 -16.41 5.75 -8.18
CA PRO A 354 -16.06 5.80 -6.76
C PRO A 354 -17.31 5.98 -5.85
N ALA A 355 -18.37 6.58 -6.38
CA ALA A 355 -19.65 6.73 -5.69
C ALA A 355 -20.33 5.37 -5.47
N GLN A 356 -20.17 4.43 -6.41
CA GLN A 356 -20.77 3.09 -6.29
C GLN A 356 -19.90 2.12 -5.53
N ARG A 357 -18.61 2.37 -5.52
CA ARG A 357 -17.62 1.54 -4.82
C ARG A 357 -17.99 1.28 -3.36
N ILE A 358 -17.74 0.05 -2.89
CA ILE A 358 -18.04 -0.28 -1.49
C ILE A 358 -17.22 0.65 -0.56
N THR A 359 -17.83 1.11 0.52
CA THR A 359 -17.07 1.84 1.55
C THR A 359 -16.44 0.78 2.50
N LEU A 360 -15.46 1.19 3.30
CA LEU A 360 -14.81 0.29 4.21
C LEU A 360 -15.71 -0.06 5.38
N ALA A 361 -16.55 0.89 5.77
CA ALA A 361 -17.64 0.60 6.74
C ALA A 361 -18.52 -0.55 6.24
N GLU A 362 -18.97 -0.48 4.99
CA GLU A 362 -19.72 -1.58 4.38
C GLU A 362 -18.84 -2.85 4.26
N ALA A 363 -17.60 -2.70 3.79
CA ALA A 363 -16.73 -3.87 3.65
C ALA A 363 -16.63 -4.70 4.94
N LEU A 364 -16.54 -4.03 6.08
CA LEU A 364 -16.37 -4.72 7.37
C LEU A 364 -17.60 -5.55 7.74
N LEU A 365 -18.73 -5.26 7.10
CA LEU A 365 -19.95 -6.02 7.27
C LEU A 365 -20.08 -7.20 6.30
N HIS A 366 -19.12 -7.35 5.38
CA HIS A 366 -19.18 -8.39 4.34
C HIS A 366 -19.06 -9.80 4.93
N PRO A 367 -19.86 -10.76 4.43
CA PRO A 367 -19.76 -12.15 4.97
C PRO A 367 -18.38 -12.83 4.77
N PHE A 368 -17.53 -12.30 3.90
CA PHE A 368 -16.13 -12.78 3.83
C PHE A 368 -15.45 -12.81 5.22
N PHE A 369 -15.83 -11.89 6.09
CA PHE A 369 -15.21 -11.75 7.40
C PHE A 369 -15.83 -12.65 8.48
N ALA A 370 -16.82 -13.46 8.11
CA ALA A 370 -17.39 -14.46 9.02
C ALA A 370 -16.32 -15.53 9.38
N GLY A 371 -15.38 -15.78 8.47
CA GLY A 371 -14.33 -16.79 8.68
C GLY A 371 -13.20 -16.39 9.63
N LEU A 372 -13.17 -15.14 10.07
CA LEU A 372 -12.15 -14.73 11.04
C LEU A 372 -12.29 -15.55 12.34
N THR A 373 -11.15 -15.95 12.91
CA THR A 373 -11.14 -16.54 14.24
C THR A 373 -11.49 -15.43 15.25
N PRO A 374 -12.00 -15.78 16.45
CA PRO A 374 -12.42 -14.71 17.39
C PRO A 374 -11.26 -13.81 17.81
N GLU A 375 -10.05 -14.35 17.82
CA GLU A 375 -8.83 -13.59 18.12
C GLU A 375 -8.56 -12.55 17.03
N GLU A 376 -8.75 -12.94 15.78
CA GLU A 376 -8.57 -12.04 14.64
C GLU A 376 -9.62 -10.95 14.64
N ARG A 377 -10.85 -11.30 14.98
CA ARG A 377 -11.96 -10.34 14.96
C ARG A 377 -11.88 -9.29 16.09
N SER A 378 -11.54 -9.73 17.30
CA SER A 378 -11.45 -8.82 18.45
C SER A 378 -10.13 -8.02 18.46
N PHE A 379 -9.27 -8.26 17.45
CA PHE A 379 -7.92 -7.69 17.39
C PHE A 379 -7.00 -8.16 18.54
N HIS A 380 -7.19 -9.39 19.01
CA HIS A 380 -6.32 -10.04 20.02
C HIS A 380 -5.82 -9.11 21.13
FAF DKI B . 10.70 3.77 6.50
CAU DKI B . 9.64 3.42 5.75
CAI DKI B . 9.17 4.25 4.72
CAH DKI B . 8.07 3.92 3.94
CAJ DKI B . 7.42 2.72 4.20
CAV DKI B . 7.88 1.91 5.24
FAG DKI B . 7.22 0.77 5.47
CAZ DKI B . 8.98 2.23 6.04
NAQ DKI B . 9.41 1.36 7.00
CAS DKI B . 9.22 1.44 8.33
SAE DKI B . 8.43 2.86 8.95
NBA DKI B . 9.60 0.40 9.12
NAP DKI B . 10.23 -0.57 8.65
CAT DKI B . 9.29 0.18 10.42
NAA DKI B . 8.59 0.94 11.28
NAO DKI B . 9.81 -0.99 10.76
CAX DKI B . 10.41 -1.45 9.63
NAR DKI B . 11.08 -2.62 9.59
CAW DKI B . 11.70 -3.32 8.62
CAL DKI B . 12.02 -2.76 7.37
CAN DKI B . 12.69 -3.51 6.40
CAK DKI B . 12.07 -4.66 8.86
CAM DKI B . 12.73 -5.43 7.89
CAY DKI B . 13.03 -4.83 6.66
SBB DKI B . 13.85 -5.76 5.36
OAC DKI B . 13.85 -7.21 5.80
OAD DKI B . 13.11 -5.56 4.07
NAB DKI B . 15.35 -5.29 5.29
S SO4 C . 15.99 24.92 5.13
O1 SO4 C . 15.78 25.04 6.57
O2 SO4 C . 14.75 24.66 4.42
O3 SO4 C . 16.57 26.14 4.57
O4 SO4 C . 16.88 23.80 4.87
S SO4 D . 5.25 5.19 -13.60
O1 SO4 D . 4.58 5.84 -12.45
O2 SO4 D . 4.56 3.93 -13.92
O3 SO4 D . 5.19 6.06 -14.79
O4 SO4 D . 6.64 4.96 -13.23
S SO4 E . 18.90 21.39 -3.35
O1 SO4 E . 18.58 21.63 -1.94
O2 SO4 E . 17.62 21.34 -4.08
O3 SO4 E . 19.77 22.51 -3.77
O4 SO4 E . 19.64 20.13 -3.63
S DMS F . -8.61 22.06 -4.01
O DMS F . -9.41 22.06 -2.37
C1 DMS F . -8.04 20.37 -4.30
C2 DMS F . -7.13 23.10 -3.86
S DMS G . -1.26 19.68 -8.93
O DMS G . -2.96 19.14 -9.06
C1 DMS G . -0.09 18.29 -8.79
C2 DMS G . -0.87 20.42 -7.31
S DMS H . -15.23 4.73 4.52
O DMS H . -16.35 3.60 5.23
C1 DMS H . -16.05 6.10 3.66
C2 DMS H . -14.49 3.98 3.06
C1 EDO I . 4.83 -2.26 -14.76
O1 EDO I . 5.20 -0.96 -14.27
C2 EDO I . 5.52 -2.67 -16.06
O2 EDO I . 4.67 -2.44 -17.19
C1 EDO J . -1.46 8.54 -22.11
O1 EDO J . -1.05 9.40 -21.05
C2 EDO J . -0.48 7.40 -22.33
O2 EDO J . -1.17 6.14 -22.18
C1 EDO K . 11.67 -2.36 -15.31
O1 EDO K . 12.35 -3.45 -14.67
C2 EDO K . 10.35 -2.04 -14.60
O2 EDO K . 9.31 -2.85 -15.12
C1 EDO L . -22.86 2.71 -17.43
O1 EDO L . -22.55 2.52 -18.84
C2 EDO L . -23.87 3.84 -17.24
O2 EDO L . -23.23 5.06 -16.85
CL CL M . 15.57 13.09 -7.75
CL CL N . 6.62 16.95 17.84
CL CL O . -9.81 -0.42 -30.26
#